data_1EK3
#
_entry.id   1EK3
#
_cell.length_a   36.580
_cell.length_b   66.910
_cell.length_c   91.500
_cell.angle_alpha   90.00
_cell.angle_beta   90.00
_cell.angle_gamma   90.00
#
_symmetry.space_group_name_H-M   'P 21 21 21'
#
loop_
_entity.id
_entity.type
_entity.pdbx_description
1 polymer 'KAPPA-4 IMMUNOGLOBULIN LIGHT CHAIN VL'
2 non-polymer 'CHLORIDE ION'
3 non-polymer 'CALCIUM ION'
4 water water
#
_entity_poly.entity_id   1
_entity_poly.type   'polypeptide(L)'
_entity_poly.pdbx_seq_one_letter_code
;DIVMTQSPDSLAVSPGERATINCKSSQNLLDSSFDTNTLAWYQQKPGQPPKLLIYWASSRESGVPDRFSGSGSGTDFTLT
ISSLQAEDVAVYYCQQYYSTPPTFGGGTKVEIKR
;
_entity_poly.pdbx_strand_id   A,B
#
# COMPACT_ATOMS: atom_id res chain seq x y z
N ASP A 1 -8.55 6.22 -16.74
CA ASP A 1 -7.55 6.13 -15.63
C ASP A 1 -6.30 5.40 -16.08
N ILE A 2 -5.36 5.22 -15.15
CA ILE A 2 -4.11 4.52 -15.46
C ILE A 2 -4.31 3.01 -15.35
N VAL A 3 -3.84 2.28 -16.35
CA VAL A 3 -3.96 0.83 -16.36
C VAL A 3 -2.62 0.18 -15.98
N MET A 4 -2.64 -0.60 -14.90
CA MET A 4 -1.43 -1.28 -14.44
C MET A 4 -1.60 -2.78 -14.72
N THR A 5 -0.76 -3.32 -15.60
CA THR A 5 -0.83 -4.72 -15.96
C THR A 5 0.40 -5.51 -15.56
N GLN A 6 0.20 -6.62 -14.85
CA GLN A 6 1.34 -7.45 -14.45
C GLN A 6 1.33 -8.76 -15.25
N SER A 7 2.52 -9.33 -15.41
CA SER A 7 2.65 -10.59 -16.15
C SER A 7 3.81 -11.41 -15.59
N PRO A 8 3.57 -12.70 -15.28
CA PRO A 8 2.30 -13.42 -15.44
C PRO A 8 1.44 -13.17 -14.20
N ASP A 9 0.30 -13.86 -14.12
CA ASP A 9 -0.59 -13.70 -12.96
C ASP A 9 -0.15 -14.62 -11.83
N SER A 10 0.54 -15.69 -12.19
CA SER A 10 1.05 -16.66 -11.22
C SER A 10 2.31 -17.29 -11.77
N LEU A 11 3.25 -17.62 -10.89
CA LEU A 11 4.48 -18.28 -11.32
C LEU A 11 5.08 -19.07 -10.17
N ALA A 12 5.84 -20.10 -10.52
CA ALA A 12 6.50 -20.92 -9.52
C ALA A 12 7.88 -21.31 -10.03
N VAL A 13 8.88 -21.22 -9.16
CA VAL A 13 10.23 -21.60 -9.52
C VAL A 13 10.79 -22.45 -8.39
N SER A 14 11.85 -23.19 -8.69
CA SER A 14 12.48 -24.06 -7.70
C SER A 14 13.10 -23.25 -6.58
N PRO A 15 13.30 -23.88 -5.40
CA PRO A 15 13.91 -23.16 -4.28
C PRO A 15 15.26 -22.59 -4.73
N GLY A 16 15.51 -21.34 -4.38
CA GLY A 16 16.77 -20.71 -4.75
C GLY A 16 16.86 -20.16 -6.16
N GLU A 17 15.86 -20.42 -6.99
CA GLU A 17 15.89 -19.91 -8.37
C GLU A 17 15.36 -18.49 -8.45
N ARG A 18 15.67 -17.83 -9.57
CA ARG A 18 15.26 -16.46 -9.81
C ARG A 18 13.80 -16.39 -10.27
N ALA A 19 13.07 -15.41 -9.74
CA ALA A 19 11.68 -15.19 -10.10
C ALA A 19 11.58 -13.78 -10.68
N THR A 20 10.91 -13.65 -11.82
CA THR A 20 10.76 -12.35 -12.46
C THR A 20 9.30 -11.98 -12.71
N ILE A 21 8.94 -10.77 -12.32
CA ILE A 21 7.58 -10.28 -12.50
C ILE A 21 7.61 -8.99 -13.30
N ASN A 22 6.77 -8.91 -14.32
CA ASN A 22 6.71 -7.72 -15.17
C ASN A 22 5.48 -6.87 -14.85
N CYS A 23 5.62 -5.56 -15.02
CA CYS A 23 4.52 -4.62 -14.79
C CYS A 23 4.55 -3.55 -15.85
N LYS A 24 3.39 -3.23 -16.40
CA LYS A 24 3.30 -2.21 -17.45
C LYS A 24 2.29 -1.14 -17.05
N SER A 25 2.69 0.12 -17.21
CA SER A 25 1.82 1.24 -16.88
C SER A 25 1.36 1.94 -18.16
N SER A 26 0.08 2.30 -18.22
CA SER A 26 -0.45 2.99 -19.38
C SER A 26 -0.01 4.44 -19.34
N GLN A 27 0.49 4.85 -18.17
CA GLN A 27 0.95 6.21 -17.94
C GLN A 27 2.46 6.27 -17.71
N ASN A 28 3.13 7.24 -18.35
CA ASN A 28 4.56 7.43 -18.18
C ASN A 28 4.76 7.89 -16.74
N LEU A 29 5.45 7.07 -15.94
CA LEU A 29 5.67 7.38 -14.53
C LEU A 29 7.00 8.05 -14.22
N LEU A 30 7.79 8.33 -15.25
CA LEU A 30 9.09 8.95 -15.05
C LEU A 30 9.12 10.46 -15.12
N ASP A 31 9.69 11.08 -14.11
CA ASP A 31 9.85 12.53 -14.07
C ASP A 31 11.31 12.69 -14.49
N SER A 32 11.53 13.12 -15.73
CA SER A 32 12.88 13.26 -16.25
C SER A 32 13.77 14.25 -15.48
N SER A 33 13.17 15.29 -14.90
CA SER A 33 13.96 16.28 -14.17
C SER A 33 14.54 15.73 -12.87
N PHE A 34 13.81 14.83 -12.21
CA PHE A 34 14.29 14.25 -10.96
C PHE A 34 14.80 12.82 -11.10
N ASP A 35 14.61 12.24 -12.29
CA ASP A 35 15.04 10.87 -12.55
C ASP A 35 14.35 9.88 -11.62
N THR A 36 13.10 10.16 -11.27
CA THR A 36 12.35 9.28 -10.39
C THR A 36 11.09 8.77 -11.04
N ASN A 37 10.78 7.50 -10.78
CA ASN A 37 9.59 6.85 -11.29
C ASN A 37 8.63 6.63 -10.13
N THR A 38 7.38 7.10 -10.26
CA THR A 38 6.40 6.90 -9.21
C THR A 38 5.86 5.48 -9.34
N LEU A 39 6.75 4.51 -9.22
CA LEU A 39 6.39 3.11 -9.31
C LEU A 39 6.97 2.39 -8.09
N ALA A 40 6.13 1.60 -7.43
CA ALA A 40 6.56 0.86 -6.25
C ALA A 40 6.13 -0.59 -6.35
N TRP A 41 6.73 -1.44 -5.52
CA TRP A 41 6.40 -2.86 -5.47
C TRP A 41 6.03 -3.22 -4.03
N TYR A 42 4.97 -3.98 -3.86
CA TYR A 42 4.50 -4.41 -2.55
C TYR A 42 4.41 -5.93 -2.46
N GLN A 43 4.44 -6.42 -1.23
CA GLN A 43 4.32 -7.85 -0.98
C GLN A 43 3.11 -8.08 -0.08
N GLN A 44 2.28 -9.05 -0.43
CA GLN A 44 1.08 -9.34 0.36
C GLN A 44 1.01 -10.82 0.75
N LYS A 45 1.05 -11.06 2.06
CA LYS A 45 0.96 -12.42 2.59
C LYS A 45 -0.52 -12.72 2.78
N PRO A 46 -0.89 -14.01 2.91
CA PRO A 46 -2.30 -14.37 3.09
C PRO A 46 -3.02 -13.64 4.22
N GLY A 47 -4.18 -13.08 3.92
CA GLY A 47 -4.97 -12.37 4.92
C GLY A 47 -4.47 -11.01 5.36
N GLN A 48 -3.32 -10.57 4.86
CA GLN A 48 -2.77 -9.28 5.24
C GLN A 48 -2.84 -8.25 4.12
N PRO A 49 -2.65 -6.97 4.46
CA PRO A 49 -2.68 -5.94 3.41
C PRO A 49 -1.28 -5.90 2.78
N PRO A 50 -1.13 -5.27 1.62
CA PRO A 50 0.20 -5.22 0.99
C PRO A 50 1.17 -4.29 1.72
N LYS A 51 2.43 -4.72 1.82
CA LYS A 51 3.47 -3.95 2.48
C LYS A 51 4.55 -3.56 1.47
N LEU A 52 5.06 -2.34 1.60
CA LEU A 52 6.07 -1.80 0.69
C LEU A 52 7.41 -2.52 0.64
N LEU A 53 7.88 -2.79 -0.57
CA LEU A 53 9.16 -3.44 -0.81
C LEU A 53 10.14 -2.50 -1.46
N ILE A 54 9.69 -1.88 -2.57
CA ILE A 54 10.51 -0.98 -3.35
C ILE A 54 9.75 0.26 -3.80
N TYR A 55 10.44 1.40 -3.79
CA TYR A 55 9.85 2.66 -4.23
C TYR A 55 10.80 3.28 -5.25
N TRP A 56 10.30 4.26 -6.00
CA TRP A 56 11.09 4.89 -7.05
C TRP A 56 11.70 3.83 -7.97
N ALA A 57 10.91 2.79 -8.25
CA ALA A 57 11.29 1.69 -9.13
C ALA A 57 12.40 0.76 -8.68
N SER A 58 13.44 1.28 -8.02
CA SER A 58 14.56 0.44 -7.61
C SER A 58 15.07 0.60 -6.19
N SER A 59 14.55 1.55 -5.43
CA SER A 59 14.99 1.76 -4.05
C SER A 59 14.30 0.82 -3.07
N ARG A 60 15.08 0.00 -2.37
CA ARG A 60 14.51 -0.93 -1.39
C ARG A 60 14.18 -0.27 -0.07
N GLU A 61 13.05 -0.65 0.50
CA GLU A 61 12.63 -0.12 1.79
C GLU A 61 13.57 -0.74 2.83
N SER A 62 13.82 -0.02 3.92
CA SER A 62 14.70 -0.55 4.95
C SER A 62 14.12 -1.87 5.46
N GLY A 63 14.98 -2.88 5.64
CA GLY A 63 14.51 -4.16 6.13
C GLY A 63 14.30 -5.19 5.05
N VAL A 64 14.15 -4.74 3.81
CA VAL A 64 13.94 -5.65 2.69
C VAL A 64 15.27 -6.28 2.28
N PRO A 65 15.32 -7.63 2.21
CA PRO A 65 16.54 -8.36 1.82
C PRO A 65 17.02 -8.00 0.41
N ASP A 66 18.33 -8.08 0.20
CA ASP A 66 18.88 -7.71 -1.11
C ASP A 66 18.56 -8.65 -2.27
N ARG A 67 17.86 -9.75 -2.01
CA ARG A 67 17.51 -10.65 -3.10
C ARG A 67 16.37 -10.03 -3.92
N PHE A 68 15.78 -8.97 -3.37
CA PHE A 68 14.70 -8.24 -4.03
C PHE A 68 15.28 -7.02 -4.75
N SER A 69 14.94 -6.86 -6.03
CA SER A 69 15.43 -5.72 -6.79
C SER A 69 14.42 -5.32 -7.87
N GLY A 70 14.30 -4.02 -8.10
CA GLY A 70 13.38 -3.53 -9.10
C GLY A 70 14.13 -2.77 -10.17
N SER A 71 13.62 -2.84 -11.40
CA SER A 71 14.23 -2.13 -12.52
C SER A 71 13.15 -1.63 -13.48
N GLY A 72 13.56 -0.86 -14.48
CA GLY A 72 12.60 -0.33 -15.43
C GLY A 72 12.43 1.16 -15.30
N SER A 73 11.77 1.76 -16.29
CA SER A 73 11.53 3.20 -16.31
C SER A 73 10.36 3.53 -17.23
N GLY A 74 9.73 4.66 -16.96
CA GLY A 74 8.60 5.07 -17.79
C GLY A 74 7.33 4.27 -17.68
N THR A 75 7.21 3.22 -18.49
CA THR A 75 6.00 2.40 -18.49
C THR A 75 6.21 0.91 -18.24
N ASP A 76 7.44 0.43 -18.40
CA ASP A 76 7.74 -0.99 -18.20
C ASP A 76 8.72 -1.21 -17.07
N PHE A 77 8.30 -2.01 -16.08
CA PHE A 77 9.12 -2.30 -14.91
C PHE A 77 9.18 -3.77 -14.60
N THR A 78 10.17 -4.15 -13.79
CA THR A 78 10.35 -5.54 -13.42
C THR A 78 10.81 -5.71 -11.98
N LEU A 79 10.20 -6.67 -11.29
CA LEU A 79 10.60 -7.00 -9.92
C LEU A 79 11.30 -8.34 -10.08
N THR A 80 12.49 -8.45 -9.49
CA THR A 80 13.25 -9.69 -9.59
C THR A 80 13.62 -10.19 -8.20
N ILE A 81 13.39 -11.49 -7.97
CA ILE A 81 13.75 -12.10 -6.70
C ILE A 81 14.87 -13.07 -7.13
N SER A 82 16.10 -12.70 -6.84
CA SER A 82 17.28 -13.50 -7.23
C SER A 82 17.31 -14.96 -6.75
N SER A 83 16.98 -15.20 -5.49
CA SER A 83 16.98 -16.54 -4.92
C SER A 83 15.71 -16.70 -4.11
N LEU A 84 14.70 -17.37 -4.67
CA LEU A 84 13.44 -17.52 -3.98
C LEU A 84 13.49 -18.38 -2.72
N GLN A 85 12.97 -17.82 -1.63
CA GLN A 85 12.94 -18.49 -0.34
C GLN A 85 11.48 -18.75 0.01
N ALA A 86 11.24 -19.68 0.93
CA ALA A 86 9.88 -20.00 1.33
C ALA A 86 9.13 -18.80 1.87
N GLU A 87 9.83 -17.94 2.62
CA GLU A 87 9.17 -16.76 3.18
C GLU A 87 8.73 -15.76 2.11
N ASP A 88 9.17 -15.96 0.87
CA ASP A 88 8.83 -15.05 -0.22
C ASP A 88 7.53 -15.44 -0.91
N VAL A 89 7.01 -16.62 -0.58
CA VAL A 89 5.76 -17.08 -1.18
C VAL A 89 4.66 -16.11 -0.80
N ALA A 90 4.16 -15.36 -1.78
CA ALA A 90 3.12 -14.37 -1.54
C ALA A 90 2.64 -13.80 -2.86
N VAL A 91 1.78 -12.78 -2.78
CA VAL A 91 1.28 -12.10 -3.97
C VAL A 91 2.03 -10.78 -4.03
N TYR A 92 2.54 -10.45 -5.21
CA TYR A 92 3.28 -9.21 -5.39
C TYR A 92 2.54 -8.27 -6.31
N TYR A 93 2.51 -7.00 -5.93
CA TYR A 93 1.83 -5.96 -6.71
C TYR A 93 2.79 -4.83 -7.05
N CYS A 94 2.62 -4.26 -8.24
CA CYS A 94 3.40 -3.08 -8.60
C CYS A 94 2.35 -2.02 -8.31
N GLN A 95 2.79 -0.80 -8.03
CA GLN A 95 1.84 0.27 -7.72
C GLN A 95 2.31 1.59 -8.27
N GLN A 96 1.42 2.29 -8.96
CA GLN A 96 1.78 3.60 -9.48
C GLN A 96 1.22 4.61 -8.49
N TYR A 97 2.05 5.56 -8.07
CA TYR A 97 1.57 6.57 -7.15
C TYR A 97 1.69 7.94 -7.79
N TYR A 98 1.43 7.96 -9.10
CA TYR A 98 1.44 9.17 -9.91
C TYR A 98 0.15 9.90 -9.58
N SER A 99 -0.94 9.14 -9.52
CA SER A 99 -2.26 9.70 -9.23
C SER A 99 -2.61 9.57 -7.74
N THR A 100 -3.69 10.23 -7.36
CA THR A 100 -4.18 10.19 -5.99
C THR A 100 -5.64 9.72 -6.05
N PRO A 101 -5.94 8.55 -5.45
CA PRO A 101 -4.99 7.68 -4.75
C PRO A 101 -4.18 6.80 -5.70
N PRO A 102 -3.13 6.14 -5.17
CA PRO A 102 -2.32 5.26 -6.01
C PRO A 102 -3.18 4.04 -6.35
N THR A 103 -2.77 3.27 -7.36
CA THR A 103 -3.50 2.07 -7.74
C THR A 103 -2.51 0.93 -7.98
N PHE A 104 -2.95 -0.28 -7.68
CA PHE A 104 -2.11 -1.48 -7.83
C PHE A 104 -2.36 -2.20 -9.14
N GLY A 105 -1.38 -3.03 -9.52
CA GLY A 105 -1.53 -3.85 -10.71
C GLY A 105 -2.42 -4.98 -10.22
N GLY A 106 -2.67 -5.98 -11.06
CA GLY A 106 -3.54 -7.07 -10.65
C GLY A 106 -2.95 -8.05 -9.63
N GLY A 107 -1.63 -7.99 -9.46
CA GLY A 107 -0.97 -8.89 -8.52
C GLY A 107 -0.46 -10.15 -9.20
N THR A 108 0.64 -10.68 -8.69
CA THR A 108 1.23 -11.90 -9.22
C THR A 108 1.54 -12.86 -8.07
N LYS A 109 0.92 -14.04 -8.11
CA LYS A 109 1.14 -15.04 -7.07
C LYS A 109 2.47 -15.76 -7.35
N VAL A 110 3.35 -15.76 -6.36
CA VAL A 110 4.64 -16.42 -6.50
C VAL A 110 4.72 -17.61 -5.54
N GLU A 111 5.05 -18.78 -6.08
CA GLU A 111 5.14 -19.99 -5.27
C GLU A 111 6.43 -20.73 -5.54
N ILE A 112 6.75 -21.68 -4.65
CA ILE A 112 7.94 -22.49 -4.80
C ILE A 112 7.52 -23.79 -5.48
N LYS A 113 8.25 -24.16 -6.52
CA LYS A 113 7.99 -25.39 -7.25
C LYS A 113 8.93 -26.37 -6.58
N ARG A 114 8.41 -27.18 -5.67
CA ARG A 114 9.25 -28.13 -4.95
C ARG A 114 9.39 -29.44 -5.73
N ASP B 1 -17.86 -2.58 -8.28
CA ASP B 1 -16.63 -2.55 -7.43
C ASP B 1 -16.93 -1.87 -6.10
N ILE B 2 -16.05 -2.07 -5.13
CA ILE B 2 -16.21 -1.49 -3.81
C ILE B 2 -15.84 -0.01 -3.83
N VAL B 3 -16.67 0.82 -3.21
CA VAL B 3 -16.43 2.26 -3.14
C VAL B 3 -15.92 2.63 -1.75
N MET B 4 -14.76 3.28 -1.71
CA MET B 4 -14.15 3.71 -0.46
C MET B 4 -14.18 5.23 -0.42
N THR B 5 -14.86 5.79 0.58
CA THR B 5 -14.98 7.25 0.69
C THR B 5 -14.49 7.79 2.02
N GLN B 6 -13.57 8.75 1.98
CA GLN B 6 -13.03 9.35 3.20
C GLN B 6 -13.62 10.74 3.42
N SER B 7 -13.70 11.14 4.69
CA SER B 7 -14.23 12.45 5.06
C SER B 7 -13.53 12.95 6.31
N PRO B 8 -13.00 14.19 6.28
CA PRO B 8 -13.04 15.12 5.15
C PRO B 8 -11.89 14.80 4.19
N ASP B 9 -11.75 15.59 3.13
CA ASP B 9 -10.68 15.38 2.17
C ASP B 9 -9.38 15.97 2.70
N SER B 10 -9.51 17.00 3.54
CA SER B 10 -8.36 17.68 4.15
C SER B 10 -8.79 18.19 5.53
N LEU B 11 -7.85 18.26 6.46
CA LEU B 11 -8.15 18.78 7.79
C LEU B 11 -6.90 19.31 8.47
N ALA B 12 -7.11 20.22 9.40
CA ALA B 12 -6.01 20.81 10.13
C ALA B 12 -6.41 21.02 11.58
N VAL B 13 -5.51 20.67 12.49
CA VAL B 13 -5.74 20.85 13.92
C VAL B 13 -4.42 21.39 14.48
N SER B 14 -4.49 21.98 15.66
CA SER B 14 -3.29 22.53 16.29
C SER B 14 -2.35 21.43 16.75
N PRO B 15 -1.06 21.76 16.91
CA PRO B 15 -0.10 20.74 17.35
C PRO B 15 -0.57 20.18 18.70
N GLY B 16 -0.46 18.86 18.86
CA GLY B 16 -0.88 18.25 20.11
C GLY B 16 -2.36 17.91 20.20
N GLU B 17 -3.15 18.40 19.26
CA GLU B 17 -4.59 18.12 19.28
C GLU B 17 -4.93 16.86 18.49
N ARG B 18 -6.11 16.32 18.77
CA ARG B 18 -6.58 15.09 18.13
C ARG B 18 -7.16 15.33 16.74
N ALA B 19 -6.81 14.46 15.80
CA ALA B 19 -7.31 14.53 14.44
C ALA B 19 -8.07 13.24 14.14
N THR B 20 -9.23 13.37 13.50
CA THR B 20 -10.02 12.19 13.17
C THR B 20 -10.39 12.15 11.69
N ILE B 21 -10.19 10.98 11.09
CA ILE B 21 -10.49 10.77 9.68
C ILE B 21 -11.49 9.62 9.55
N ASN B 22 -12.55 9.86 8.77
CA ASN B 22 -13.58 8.84 8.57
C ASN B 22 -13.46 8.16 7.21
N CYS B 23 -13.84 6.89 7.16
CA CYS B 23 -13.79 6.12 5.93
C CYS B 23 -15.02 5.22 5.85
N LYS B 24 -15.69 5.24 4.71
CA LYS B 24 -16.88 4.40 4.54
C LYS B 24 -16.69 3.47 3.35
N SER B 25 -17.07 2.22 3.54
CA SER B 25 -16.96 1.20 2.50
C SER B 25 -18.36 0.84 2.04
N SER B 26 -18.54 0.70 0.72
CA SER B 26 -19.84 0.35 0.17
C SER B 26 -20.16 -1.11 0.51
N GLN B 27 -19.13 -1.86 0.91
CA GLN B 27 -19.31 -3.25 1.28
C GLN B 27 -18.81 -3.53 2.70
N ASN B 28 -19.54 -4.38 3.42
CA ASN B 28 -19.18 -4.73 4.78
C ASN B 28 -17.86 -5.49 4.68
N LEU B 29 -16.83 -5.01 5.37
CA LEU B 29 -15.51 -5.62 5.30
C LEU B 29 -15.19 -6.71 6.31
N LEU B 30 -16.18 -7.17 7.06
CA LEU B 30 -15.94 -8.25 8.02
C LEU B 30 -15.43 -9.44 7.22
N ASP B 31 -14.47 -10.17 7.76
CA ASP B 31 -13.92 -11.32 7.05
C ASP B 31 -14.60 -12.62 7.49
N SER B 32 -15.39 -13.20 6.59
CA SER B 32 -16.11 -14.44 6.86
C SER B 32 -16.91 -14.32 8.17
N SER B 33 -16.70 -15.25 9.10
CA SER B 33 -17.42 -15.21 10.37
C SER B 33 -16.55 -14.67 11.50
N PHE B 34 -15.40 -14.13 11.14
CA PHE B 34 -14.47 -13.57 12.12
C PHE B 34 -14.84 -12.14 12.48
N ASP B 35 -14.23 -11.62 13.54
CA ASP B 35 -14.50 -10.26 13.98
C ASP B 35 -13.56 -9.27 13.31
N THR B 36 -12.61 -9.79 12.53
CA THR B 36 -11.65 -8.96 11.82
C THR B 36 -12.18 -8.38 10.51
N ASN B 37 -11.80 -7.14 10.23
CA ASN B 37 -12.21 -6.45 9.01
C ASN B 37 -11.01 -6.32 8.07
N THR B 38 -11.26 -6.48 6.77
CA THR B 38 -10.18 -6.33 5.80
C THR B 38 -10.09 -4.85 5.47
N LEU B 39 -9.73 -4.06 6.48
CA LEU B 39 -9.61 -2.61 6.35
C LEU B 39 -8.26 -2.17 6.94
N ALA B 40 -7.50 -1.41 6.17
CA ALA B 40 -6.20 -0.92 6.62
C ALA B 40 -6.10 0.59 6.45
N TRP B 41 -5.12 1.18 7.12
CA TRP B 41 -4.85 2.61 7.03
C TRP B 41 -3.38 2.76 6.67
N TYR B 42 -3.11 3.70 5.76
CA TYR B 42 -1.75 3.97 5.30
C TYR B 42 -1.41 5.45 5.42
N GLN B 43 -0.13 5.75 5.51
CA GLN B 43 0.35 7.12 5.61
C GLN B 43 1.23 7.36 4.39
N GLN B 44 1.01 8.49 3.72
CA GLN B 44 1.80 8.84 2.54
C GLN B 44 2.47 10.21 2.69
N LYS B 45 3.80 10.21 2.69
CA LYS B 45 4.58 11.43 2.78
C LYS B 45 4.80 11.96 1.37
N PRO B 46 5.15 13.25 1.22
CA PRO B 46 5.39 13.82 -0.11
C PRO B 46 6.40 13.05 -0.95
N GLY B 47 6.02 12.75 -2.19
CA GLY B 47 6.90 12.04 -3.11
C GLY B 47 7.13 10.56 -2.81
N GLN B 48 6.43 10.06 -1.80
CA GLN B 48 6.56 8.66 -1.40
C GLN B 48 5.29 7.85 -1.62
N PRO B 49 5.41 6.51 -1.61
CA PRO B 49 4.23 5.68 -1.80
C PRO B 49 3.63 5.51 -0.41
N PRO B 50 2.38 5.05 -0.32
CA PRO B 50 1.77 4.88 1.01
C PRO B 50 2.39 3.72 1.78
N LYS B 51 2.54 3.90 3.09
CA LYS B 51 3.10 2.87 3.95
C LYS B 51 2.08 2.46 5.00
N LEU B 52 2.03 1.16 5.28
CA LEU B 52 1.06 0.59 6.22
C LEU B 52 1.18 1.08 7.66
N LEU B 53 0.03 1.41 8.23
CA LEU B 53 -0.03 1.87 9.60
C LEU B 53 -0.83 0.88 10.44
N ILE B 54 -2.04 0.61 9.99
CA ILE B 54 -2.96 -0.28 10.70
C ILE B 54 -3.64 -1.30 9.79
N TYR B 55 -3.80 -2.52 10.30
CA TYR B 55 -4.48 -3.59 9.58
C TYR B 55 -5.58 -4.12 10.49
N TRP B 56 -6.54 -4.84 9.91
CA TRP B 56 -7.67 -5.36 10.68
C TRP B 56 -8.34 -4.26 11.50
N ALA B 57 -8.45 -3.09 10.89
CA ALA B 57 -9.10 -1.93 11.47
C ALA B 57 -8.41 -1.27 12.68
N SER B 58 -7.87 -2.08 13.59
CA SER B 58 -7.26 -1.52 14.80
C SER B 58 -5.87 -1.99 15.19
N SER B 59 -5.35 -3.02 14.51
CA SER B 59 -4.02 -3.52 14.83
C SER B 59 -2.89 -2.71 14.21
N ARG B 60 -2.01 -2.18 15.04
CA ARG B 60 -0.88 -1.38 14.58
C ARG B 60 0.27 -2.22 14.06
N GLU B 61 0.86 -1.77 12.96
CA GLU B 61 2.01 -2.45 12.38
C GLU B 61 3.18 -2.16 13.32
N SER B 62 4.10 -3.11 13.45
CA SER B 62 5.25 -2.91 14.32
C SER B 62 5.96 -1.61 13.94
N GLY B 63 6.29 -0.80 14.95
CA GLY B 63 6.99 0.45 14.68
C GLY B 63 6.12 1.69 14.58
N VAL B 64 4.81 1.49 14.49
CA VAL B 64 3.88 2.61 14.39
C VAL B 64 3.58 3.19 15.77
N PRO B 65 3.73 4.51 15.94
CA PRO B 65 3.49 5.20 17.21
C PRO B 65 2.09 4.93 17.76
N ASP B 66 1.99 4.85 19.09
CA ASP B 66 0.72 4.58 19.76
C ASP B 66 -0.33 5.67 19.54
N ARG B 67 0.10 6.87 19.12
CA ARG B 67 -0.86 7.95 18.90
C ARG B 67 -1.76 7.67 17.70
N PHE B 68 -1.43 6.63 16.94
CA PHE B 68 -2.22 6.23 15.78
C PHE B 68 -3.13 5.07 16.17
N SER B 69 -4.44 5.26 16.07
CA SER B 69 -5.36 4.18 16.41
C SER B 69 -6.54 4.13 15.45
N GLY B 70 -6.99 2.90 15.15
CA GLY B 70 -8.11 2.73 14.24
C GLY B 70 -9.30 2.10 14.95
N SER B 71 -10.50 2.45 14.51
CA SER B 71 -11.72 1.92 15.10
C SER B 71 -12.78 1.72 14.02
N GLY B 72 -13.82 0.97 14.37
CA GLY B 72 -14.88 0.72 13.41
C GLY B 72 -14.93 -0.72 12.96
N SER B 73 -16.05 -1.13 12.43
CA SER B 73 -16.24 -2.50 11.96
C SER B 73 -17.42 -2.51 11.00
N GLY B 74 -17.31 -3.28 9.92
CA GLY B 74 -18.40 -3.34 8.97
C GLY B 74 -18.15 -2.44 7.76
N THR B 75 -18.76 -1.26 7.77
CA THR B 75 -18.63 -0.32 6.67
C THR B 75 -18.08 1.06 7.07
N ASP B 76 -18.15 1.40 8.35
CA ASP B 76 -17.66 2.69 8.81
C ASP B 76 -16.45 2.57 9.73
N PHE B 77 -15.37 3.23 9.35
CA PHE B 77 -14.13 3.18 10.11
C PHE B 77 -13.58 4.55 10.41
N THR B 78 -12.70 4.62 11.41
CA THR B 78 -12.11 5.88 11.81
C THR B 78 -10.64 5.74 12.20
N LEU B 79 -9.82 6.66 11.71
CA LEU B 79 -8.41 6.68 12.06
C LEU B 79 -8.28 7.91 12.95
N THR B 80 -7.64 7.74 14.11
CA THR B 80 -7.46 8.85 15.02
C THR B 80 -5.99 9.05 15.36
N ILE B 81 -5.57 10.31 15.32
CA ILE B 81 -4.21 10.66 15.69
C ILE B 81 -4.48 11.46 16.96
N SER B 82 -4.31 10.81 18.11
CA SER B 82 -4.60 11.42 19.40
C SER B 82 -3.93 12.77 19.69
N SER B 83 -2.67 12.91 19.30
CA SER B 83 -1.93 14.14 19.52
C SER B 83 -1.07 14.37 18.29
N LEU B 84 -1.47 15.30 17.42
CA LEU B 84 -0.75 15.56 16.17
C LEU B 84 0.64 16.17 16.36
N GLN B 85 1.63 15.56 15.71
CA GLN B 85 3.01 16.04 15.75
C GLN B 85 3.43 16.49 14.35
N ALA B 86 4.49 17.28 14.29
CA ALA B 86 5.00 17.78 13.01
C ALA B 86 5.21 16.66 11.97
N GLU B 87 5.81 15.55 12.39
CA GLU B 87 6.08 14.45 11.46
C GLU B 87 4.84 13.74 10.93
N ASP B 88 3.68 14.02 11.51
CA ASP B 88 2.44 13.36 11.09
C ASP B 88 1.77 14.03 9.89
N VAL B 89 2.23 15.22 9.53
CA VAL B 89 1.65 15.93 8.40
C VAL B 89 1.89 15.07 7.16
N ALA B 90 0.79 14.64 6.55
CA ALA B 90 0.85 13.78 5.37
C ALA B 90 -0.56 13.45 4.90
N VAL B 91 -0.66 12.56 3.92
CA VAL B 91 -1.95 12.13 3.39
C VAL B 91 -2.20 10.73 3.94
N TYR B 92 -3.39 10.52 4.50
CA TYR B 92 -3.76 9.23 5.06
C TYR B 92 -4.85 8.57 4.23
N TYR B 93 -4.65 7.29 3.92
CA TYR B 93 -5.60 6.52 3.13
C TYR B 93 -6.14 5.33 3.89
N CYS B 94 -7.42 5.03 3.68
CA CYS B 94 -7.96 3.81 4.25
C CYS B 94 -7.86 2.88 3.04
N GLN B 95 -7.85 1.59 3.27
CA GLN B 95 -7.72 0.64 2.16
C GLN B 95 -8.47 -0.64 2.48
N GLN B 96 -9.30 -1.10 1.54
CA GLN B 96 -10.00 -2.35 1.76
C GLN B 96 -9.17 -3.39 1.00
N TYR B 97 -8.89 -4.51 1.65
CA TYR B 97 -8.13 -5.55 0.97
C TYR B 97 -8.93 -6.83 0.84
N TYR B 98 -10.21 -6.67 0.58
CA TYR B 98 -11.10 -7.81 0.36
C TYR B 98 -10.88 -8.26 -1.08
N SER B 99 -10.77 -7.28 -1.98
CA SER B 99 -10.57 -7.57 -3.39
C SER B 99 -9.10 -7.75 -3.78
N THR B 100 -8.88 -8.22 -4.99
CA THR B 100 -7.54 -8.40 -5.53
C THR B 100 -7.52 -7.64 -6.85
N PRO B 101 -6.79 -6.52 -6.91
CA PRO B 101 -5.98 -5.93 -5.84
C PRO B 101 -6.80 -5.09 -4.87
N PRO B 102 -6.19 -4.68 -3.75
CA PRO B 102 -6.89 -3.85 -2.76
C PRO B 102 -7.05 -2.46 -3.40
N THR B 103 -7.93 -1.64 -2.84
CA THR B 103 -8.11 -0.29 -3.37
C THR B 103 -8.16 0.69 -2.20
N PHE B 104 -7.67 1.91 -2.45
CA PHE B 104 -7.64 2.97 -1.45
C PHE B 104 -8.80 3.93 -1.55
N GLY B 105 -9.06 4.64 -0.46
CA GLY B 105 -10.07 5.66 -0.44
C GLY B 105 -9.37 6.84 -1.10
N GLY B 106 -10.02 7.99 -1.19
CA GLY B 106 -9.38 9.14 -1.84
C GLY B 106 -8.24 9.79 -1.07
N GLY B 107 -8.11 9.44 0.20
CA GLY B 107 -7.06 10.01 1.01
C GLY B 107 -7.50 11.30 1.69
N THR B 108 -6.91 11.57 2.84
CA THR B 108 -7.22 12.79 3.58
C THR B 108 -5.92 13.48 3.98
N LYS B 109 -5.74 14.71 3.51
CA LYS B 109 -4.54 15.47 3.81
C LYS B 109 -4.68 16.03 5.23
N VAL B 110 -3.72 15.74 6.09
CA VAL B 110 -3.73 16.23 7.46
C VAL B 110 -2.60 17.24 7.64
N GLU B 111 -2.94 18.42 8.14
CA GLU B 111 -1.95 19.47 8.36
C GLU B 111 -2.03 20.07 9.75
N ILE B 112 -0.99 20.81 10.13
CA ILE B 112 -0.95 21.48 11.41
C ILE B 112 -1.58 22.87 11.23
N LYS B 113 -2.51 23.21 12.12
CA LYS B 113 -3.19 24.50 12.07
C LYS B 113 -2.23 25.57 12.58
N ARG B 114 -2.03 26.62 11.78
CA ARG B 114 -1.14 27.71 12.13
C ARG B 114 -1.77 28.63 13.18
#